data_3SW8
#
_entry.id   3SW8
#
_cell.length_a   50.015
_cell.length_b   50.015
_cell.length_c   91.605
_cell.angle_alpha   90.00
_cell.angle_beta   90.00
_cell.angle_gamma   90.00
#
_symmetry.space_group_name_H-M   'P 43'
#
loop_
_entity.id
_entity.type
_entity.pdbx_description
1 polymer 'Peptide deformylase 3'
2 non-polymer 'NICKEL (II) ION'
3 non-polymer 'SULFATE ION'
4 non-polymer 2,3-dichloro-N-{2-[formyl(hydroxy)amino]ethyl}benzamide
5 water water
#
_entity_poly.entity_id   1
_entity_poly.type   'polypeptide(L)'
_entity_poly.pdbx_seq_one_letter_code
;MSAIERITKAAHLIDMNDIIREGNPTLRTVAEEVTFPLSDQEIILGEKMMQFLKHSQDPVMAEKMGLRGGVGLAAPQLDI
SKRIIAVLVPNIVEEGETPQEAYDLEAIMYNPKIVSHSVQDAALGEGEGCLSVDRNVPGYVVRHARVTVDYFDKDGEKHR
IKLKGYNSIVVQHEIDHINGIMFYDRINEKDPFAVKDGLLILE
;
_entity_poly.pdbx_strand_id   P
#
# COMPACT_ATOMS: atom_id res chain seq x y z
N SER A 2 16.02 -10.61 -12.35
CA SER A 2 15.34 -9.44 -11.81
C SER A 2 14.33 -9.83 -10.74
N ALA A 3 13.97 -8.87 -9.88
CA ALA A 3 12.98 -9.13 -8.86
C ALA A 3 11.69 -9.62 -9.47
N ILE A 4 11.21 -8.93 -10.51
CA ILE A 4 9.92 -9.29 -11.06
C ILE A 4 9.93 -10.69 -11.68
N GLU A 5 11.03 -11.07 -12.30
CA GLU A 5 11.11 -12.40 -12.93
C GLU A 5 11.13 -13.49 -11.86
N ARG A 6 11.87 -13.25 -10.80
CA ARG A 6 11.94 -14.17 -9.68
C ARG A 6 10.60 -14.32 -8.97
N ILE A 7 9.97 -13.18 -8.69
CA ILE A 7 8.73 -13.20 -7.91
C ILE A 7 7.55 -13.81 -8.66
N THR A 8 7.55 -13.73 -9.98
CA THR A 8 6.37 -14.16 -10.75
C THR A 8 6.48 -15.59 -11.27
N LYS A 9 7.53 -16.28 -10.87
CA LYS A 9 7.59 -17.72 -11.13
C LYS A 9 6.39 -18.39 -10.44
N ALA A 10 5.74 -19.32 -11.15
CA ALA A 10 4.59 -20.02 -10.60
C ALA A 10 4.83 -20.48 -9.16
N ALA A 11 6.02 -21.01 -8.90
CA ALA A 11 6.30 -21.63 -7.61
C ALA A 11 6.55 -20.62 -6.49
N HIS A 12 6.81 -19.37 -6.85
CA HIS A 12 7.26 -18.42 -5.84
C HIS A 12 6.16 -17.88 -4.92
N LEU A 13 6.43 -17.95 -3.62
CA LEU A 13 5.56 -17.35 -2.61
C LEU A 13 6.28 -16.14 -2.02
N ILE A 14 5.65 -14.97 -2.12
CA ILE A 14 6.25 -13.78 -1.55
C ILE A 14 6.34 -13.92 -0.04
N ASP A 15 7.50 -13.60 0.51
CA ASP A 15 7.67 -13.55 1.96
C ASP A 15 8.53 -12.35 2.35
N MET A 16 8.90 -12.27 3.62
CA MET A 16 9.60 -11.08 4.10
C MET A 16 10.97 -10.89 3.45
N ASN A 17 11.52 -11.97 2.90
CA ASN A 17 12.82 -11.87 2.27
C ASN A 17 12.75 -11.18 0.92
N ASP A 18 11.53 -11.00 0.40
CA ASP A 18 11.33 -10.27 -0.85
C ASP A 18 11.16 -8.77 -0.61
N ILE A 19 10.93 -8.38 0.63
CA ILE A 19 10.56 -7.01 0.96
C ILE A 19 11.77 -6.18 1.36
N ILE A 20 12.07 -5.15 0.57
CA ILE A 20 13.20 -4.27 0.86
C ILE A 20 12.87 -3.28 1.99
N ARG A 21 13.91 -2.77 2.63
CA ARG A 21 13.74 -1.97 3.84
C ARG A 21 14.36 -0.59 3.69
N GLU A 22 14.10 0.27 4.66
CA GLU A 22 14.64 1.63 4.66
C GLU A 22 16.12 1.57 4.32
N GLY A 23 16.58 2.53 3.53
CA GLY A 23 17.98 2.58 3.15
C GLY A 23 18.13 2.15 1.72
N ASN A 24 17.23 1.27 1.28
CA ASN A 24 17.21 0.89 -0.12
C ASN A 24 16.60 2.02 -0.94
N PRO A 25 17.36 2.56 -1.89
CA PRO A 25 16.94 3.76 -2.63
C PRO A 25 15.66 3.57 -3.43
N THR A 26 15.31 2.32 -3.71
CA THR A 26 14.12 2.03 -4.50
C THR A 26 12.87 2.58 -3.84
N LEU A 27 12.85 2.54 -2.51
CA LEU A 27 11.72 3.08 -1.74
C LEU A 27 11.61 4.61 -1.82
N ARG A 28 12.67 5.27 -2.24
CA ARG A 28 12.68 6.72 -2.36
C ARG A 28 12.67 7.17 -3.81
N THR A 29 12.44 6.21 -4.71
CA THR A 29 12.36 6.53 -6.13
C THR A 29 10.90 6.63 -6.57
N VAL A 30 10.61 7.46 -7.58
CA VAL A 30 9.27 7.52 -8.14
C VAL A 30 9.07 6.41 -9.16
N ALA A 31 8.12 5.52 -8.90
CA ALA A 31 7.89 4.36 -9.76
C ALA A 31 7.36 4.69 -11.14
N GLU A 32 7.70 3.84 -12.10
CA GLU A 32 7.32 4.00 -13.48
C GLU A 32 5.91 3.49 -13.73
N GLU A 33 5.12 4.27 -14.47
CA GLU A 33 3.82 3.82 -14.94
C GLU A 33 3.94 2.52 -15.72
N VAL A 34 2.95 1.64 -15.57
CA VAL A 34 2.86 0.49 -16.47
C VAL A 34 2.13 0.89 -17.76
N THR A 35 2.45 0.19 -18.85
CA THR A 35 1.78 0.43 -20.12
C THR A 35 0.78 -0.69 -20.39
N PHE A 36 -0.19 -0.38 -21.23
CA PHE A 36 -1.21 -1.34 -21.60
C PHE A 36 -1.10 -1.70 -23.08
N PRO A 37 -1.28 -2.99 -23.41
CA PRO A 37 -1.68 -4.02 -22.46
C PRO A 37 -0.58 -4.44 -21.47
N LEU A 38 -0.98 -4.98 -20.32
CA LEU A 38 0.00 -5.47 -19.35
C LEU A 38 0.67 -6.73 -19.84
N SER A 39 1.90 -6.96 -19.40
CA SER A 39 2.55 -8.24 -19.62
C SER A 39 1.96 -9.29 -18.68
N ASP A 40 2.12 -10.55 -19.02
CA ASP A 40 1.70 -11.62 -18.14
C ASP A 40 2.36 -11.45 -16.79
N GLN A 41 3.63 -11.06 -16.80
CA GLN A 41 4.37 -10.89 -15.54
C GLN A 41 3.77 -9.83 -14.65
N GLU A 42 3.29 -8.73 -15.25
CA GLU A 42 2.73 -7.63 -14.47
C GLU A 42 1.41 -8.04 -13.84
N ILE A 43 0.66 -8.87 -14.56
CA ILE A 43 -0.60 -9.41 -14.04
C ILE A 43 -0.31 -10.40 -12.91
N ILE A 44 0.62 -11.31 -13.14
CA ILE A 44 0.98 -12.28 -12.11
C ILE A 44 1.51 -11.57 -10.87
N LEU A 45 2.34 -10.55 -11.05
CA LEU A 45 2.86 -9.80 -9.91
C LEU A 45 1.73 -9.28 -9.02
N GLY A 46 0.72 -8.65 -9.60
CA GLY A 46 -0.39 -8.12 -8.83
C GLY A 46 -1.06 -9.24 -8.04
N GLU A 47 -1.24 -10.37 -8.70
CA GLU A 47 -1.84 -11.54 -8.07
C GLU A 47 -0.99 -12.08 -6.91
N LYS A 48 0.33 -12.13 -7.11
CA LYS A 48 1.26 -12.59 -6.07
C LYS A 48 1.21 -11.65 -4.86
N MET A 49 1.16 -10.36 -5.14
CA MET A 49 1.06 -9.34 -4.09
C MET A 49 -0.19 -9.52 -3.26
N MET A 50 -1.33 -9.70 -3.93
CA MET A 50 -2.58 -9.95 -3.23
C MET A 50 -2.54 -11.26 -2.43
N GLN A 51 -1.98 -12.31 -3.03
CA GLN A 51 -1.80 -13.56 -2.30
C GLN A 51 -0.98 -13.37 -1.02
N PHE A 52 0.07 -12.56 -1.11
CA PHE A 52 0.89 -12.25 0.06
C PHE A 52 0.06 -11.62 1.17
N LEU A 53 -0.78 -10.64 0.80
CA LEU A 53 -1.57 -9.96 1.81
C LEU A 53 -2.48 -10.96 2.49
N LYS A 54 -3.10 -11.82 1.69
CA LYS A 54 -3.96 -12.86 2.25
C LYS A 54 -3.19 -13.80 3.17
N HIS A 55 -1.99 -14.21 2.77
CA HIS A 55 -1.15 -15.04 3.63
C HIS A 55 -0.84 -14.32 4.93
N SER A 56 -0.50 -13.04 4.82
CA SER A 56 -0.10 -12.24 5.98
C SER A 56 -1.23 -12.06 6.99
N GLN A 57 -2.47 -12.19 6.51
CA GLN A 57 -3.62 -11.96 7.36
C GLN A 57 -4.20 -13.26 7.91
N ASP A 58 -3.56 -14.38 7.55
CA ASP A 58 -4.01 -15.69 8.02
C ASP A 58 -3.11 -16.15 9.16
N PRO A 59 -3.72 -16.40 10.33
CA PRO A 59 -2.99 -16.85 11.52
C PRO A 59 -1.98 -17.94 11.22
N VAL A 60 -2.44 -19.05 10.64
CA VAL A 60 -1.58 -20.21 10.42
C VAL A 60 -0.47 -19.94 9.38
N MET A 61 -0.85 -19.37 8.25
CA MET A 61 0.11 -19.12 7.18
C MET A 61 1.12 -18.04 7.56
N ALA A 62 0.64 -17.00 8.23
CA ALA A 62 1.54 -15.95 8.67
C ALA A 62 2.59 -16.51 9.62
N GLU A 63 2.16 -17.42 10.49
CA GLU A 63 3.05 -18.02 11.47
C GLU A 63 4.11 -18.84 10.73
N LYS A 64 3.64 -19.73 9.86
CA LYS A 64 4.52 -20.62 9.11
C LYS A 64 5.53 -19.89 8.23
N MET A 65 5.10 -18.80 7.60
CA MET A 65 5.96 -18.09 6.64
C MET A 65 6.79 -16.96 7.27
N GLY A 66 6.56 -16.69 8.56
CA GLY A 66 7.29 -15.64 9.25
C GLY A 66 6.86 -14.28 8.78
N LEU A 67 5.56 -14.13 8.54
CA LEU A 67 5.01 -12.91 7.96
C LEU A 67 4.51 -11.92 9.00
N ARG A 68 4.77 -10.64 8.75
CA ARG A 68 4.09 -9.57 9.44
C ARG A 68 2.81 -9.28 8.67
N GLY A 69 1.73 -9.00 9.38
CA GLY A 69 0.47 -8.68 8.73
C GLY A 69 0.50 -7.36 7.96
N GLY A 70 -0.22 -7.32 6.85
CA GLY A 70 -0.34 -6.10 6.07
C GLY A 70 -1.72 -5.95 5.47
N VAL A 71 -2.16 -4.70 5.27
CA VAL A 71 -3.44 -4.46 4.60
C VAL A 71 -3.22 -3.80 3.23
N GLY A 72 -1.95 -3.61 2.87
CA GLY A 72 -1.56 -3.08 1.58
C GLY A 72 -0.11 -3.41 1.26
N LEU A 73 0.24 -3.35 -0.02
CA LEU A 73 1.60 -3.58 -0.49
C LEU A 73 1.79 -2.86 -1.82
N ALA A 74 2.97 -2.26 -2.01
CA ALA A 74 3.29 -1.60 -3.27
C ALA A 74 4.50 -2.28 -3.91
N ALA A 75 4.53 -2.34 -5.24
CA ALA A 75 5.61 -3.04 -5.93
C ALA A 75 7.01 -2.52 -5.52
N PRO A 76 7.15 -1.22 -5.26
CA PRO A 76 8.52 -0.81 -4.90
C PRO A 76 9.04 -1.49 -3.64
N GLN A 77 8.14 -1.98 -2.79
CA GLN A 77 8.56 -2.72 -1.62
C GLN A 77 9.20 -4.06 -1.98
N LEU A 78 8.98 -4.51 -3.21
CA LEU A 78 9.55 -5.76 -3.69
C LEU A 78 10.72 -5.48 -4.61
N ASP A 79 11.20 -4.23 -4.57
CA ASP A 79 12.28 -3.75 -5.41
C ASP A 79 11.88 -3.72 -6.88
N ILE A 80 10.58 -3.51 -7.12
CA ILE A 80 10.05 -3.42 -8.47
C ILE A 80 9.45 -2.04 -8.64
N SER A 81 10.12 -1.21 -9.44
CA SER A 81 9.76 0.20 -9.54
C SER A 81 8.66 0.41 -10.57
N LYS A 82 7.50 -0.17 -10.29
CA LYS A 82 6.32 -0.04 -11.13
C LYS A 82 5.13 0.43 -10.30
N ARG A 83 4.23 1.16 -10.94
CA ARG A 83 3.09 1.74 -10.22
C ARG A 83 1.97 0.72 -10.09
N ILE A 84 2.19 -0.26 -9.21
CA ILE A 84 1.26 -1.36 -8.97
C ILE A 84 1.13 -1.51 -7.46
N ILE A 85 -0.11 -1.54 -6.99
CA ILE A 85 -0.35 -1.71 -5.56
C ILE A 85 -1.45 -2.73 -5.34
N ALA A 86 -1.42 -3.37 -4.18
CA ALA A 86 -2.51 -4.24 -3.75
C ALA A 86 -3.05 -3.74 -2.44
N VAL A 87 -4.36 -3.80 -2.30
CA VAL A 87 -5.03 -3.33 -1.09
C VAL A 87 -6.01 -4.38 -0.59
N LEU A 88 -5.95 -4.69 0.69
CA LEU A 88 -6.80 -5.73 1.26
C LEU A 88 -7.20 -5.31 2.68
N VAL A 89 -8.31 -4.59 2.79
CA VAL A 89 -8.76 -4.06 4.07
C VAL A 89 -9.93 -4.88 4.57
N PRO A 90 -9.74 -5.55 5.72
CA PRO A 90 -10.80 -6.40 6.27
C PRO A 90 -11.99 -5.60 6.79
N ASN A 91 -13.18 -6.14 6.63
CA ASN A 91 -14.35 -5.60 7.31
C ASN A 91 -14.32 -6.00 8.77
N ILE A 92 -14.82 -5.15 9.64
CA ILE A 92 -14.94 -5.46 11.07
C ILE A 92 -16.16 -6.34 11.31
N GLU A 101 -18.70 -8.74 1.97
CA GLU A 101 -17.85 -9.91 2.14
C GLU A 101 -16.96 -9.81 3.37
N ALA A 102 -15.82 -10.50 3.31
CA ALA A 102 -14.83 -10.43 4.37
C ALA A 102 -14.01 -9.15 4.28
N TYR A 103 -14.03 -8.51 3.12
CA TYR A 103 -13.18 -7.35 2.90
C TYR A 103 -13.93 -6.05 2.59
N ASP A 104 -13.53 -4.99 3.31
CA ASP A 104 -14.01 -3.64 3.07
C ASP A 104 -13.52 -3.20 1.69
N LEU A 105 -12.29 -3.55 1.36
CA LEU A 105 -11.72 -3.23 0.05
C LEU A 105 -10.70 -4.28 -0.34
N GLU A 106 -10.91 -4.90 -1.50
CA GLU A 106 -9.94 -5.80 -2.12
C GLU A 106 -9.71 -5.35 -3.54
N ALA A 107 -8.48 -4.90 -3.84
CA ALA A 107 -8.19 -4.38 -5.16
C ALA A 107 -6.73 -4.50 -5.52
N ILE A 108 -6.47 -4.87 -6.77
CA ILE A 108 -5.12 -4.78 -7.33
C ILE A 108 -5.20 -3.61 -8.31
N MET A 109 -4.38 -2.59 -8.08
CA MET A 109 -4.49 -1.34 -8.84
C MET A 109 -3.25 -1.03 -9.66
N TYR A 110 -3.46 -0.76 -10.94
CA TYR A 110 -2.37 -0.38 -11.85
C TYR A 110 -2.46 1.11 -12.15
N ASN A 111 -1.34 1.80 -12.06
CA ASN A 111 -1.33 3.26 -12.21
C ASN A 111 -2.41 4.01 -11.42
N PRO A 112 -2.51 3.72 -10.11
CA PRO A 112 -3.52 4.44 -9.32
C PRO A 112 -3.12 5.92 -9.18
N LYS A 113 -4.11 6.79 -9.11
CA LYS A 113 -3.87 8.22 -9.02
C LYS A 113 -5.00 8.86 -8.27
N ILE A 114 -4.68 9.74 -7.32
CA ILE A 114 -5.70 10.50 -6.61
C ILE A 114 -6.09 11.66 -7.50
N VAL A 115 -7.37 11.73 -7.85
CA VAL A 115 -7.86 12.78 -8.75
C VAL A 115 -8.67 13.85 -8.03
N SER A 116 -9.04 13.59 -6.79
CA SER A 116 -9.68 14.58 -5.93
C SER A 116 -9.46 14.20 -4.48
N HIS A 117 -9.38 15.20 -3.60
CA HIS A 117 -9.27 14.91 -2.17
C HIS A 117 -9.99 15.98 -1.36
N SER A 118 -10.40 15.61 -0.16
CA SER A 118 -11.11 16.52 0.74
C SER A 118 -10.17 17.55 1.34
N VAL A 119 -10.72 18.69 1.76
CA VAL A 119 -9.93 19.64 2.52
C VAL A 119 -9.62 19.02 3.89
N GLN A 120 -10.60 18.35 4.45
CA GLN A 120 -10.46 17.69 5.73
C GLN A 120 -9.34 16.65 5.66
N ASP A 121 -8.51 16.61 6.70
CA ASP A 121 -7.49 15.57 6.84
C ASP A 121 -7.98 14.49 7.80
N ALA A 122 -7.32 13.34 7.78
CA ALA A 122 -7.60 12.31 8.77
C ALA A 122 -6.32 11.56 9.11
N ALA A 123 -6.34 10.88 10.26
CA ALA A 123 -5.22 10.05 10.67
C ALA A 123 -5.71 8.92 11.57
N LEU A 124 -5.12 7.74 11.41
CA LEU A 124 -5.41 6.66 12.33
C LEU A 124 -4.90 7.04 13.73
N GLY A 125 -5.75 6.85 14.72
CA GLY A 125 -5.39 7.17 16.10
C GLY A 125 -4.24 6.31 16.58
N GLU A 126 -4.10 5.12 16.00
CA GLU A 126 -3.05 4.22 16.45
C GLU A 126 -1.76 4.37 15.64
N GLY A 127 -1.74 5.34 14.74
CA GLY A 127 -0.59 5.58 13.91
C GLY A 127 -0.52 4.54 12.80
N GLU A 128 0.61 4.48 12.11
CA GLU A 128 0.80 3.49 11.05
C GLU A 128 2.11 2.74 11.23
N GLY A 129 2.22 1.60 10.56
CA GLY A 129 3.48 0.89 10.45
C GLY A 129 3.68 0.49 8.99
N CYS A 130 4.86 -0.03 8.68
CA CYS A 130 5.24 -0.35 7.30
C CYS A 130 6.13 -1.59 7.29
N LEU A 131 5.92 -2.49 6.34
CA LEU A 131 6.73 -3.71 6.28
C LEU A 131 8.20 -3.42 5.95
N SER A 132 8.46 -2.27 5.35
CA SER A 132 9.81 -1.88 4.98
C SER A 132 10.50 -1.10 6.10
N VAL A 133 9.78 -0.93 7.22
CA VAL A 133 10.29 -0.15 8.34
C VAL A 133 10.34 -1.00 9.60
N ASP A 134 11.54 -1.44 9.96
CA ASP A 134 11.71 -2.36 11.08
C ASP A 134 11.94 -1.62 12.38
N ARG A 135 10.94 -0.82 12.74
CA ARG A 135 10.97 -0.03 13.96
C ARG A 135 9.63 0.65 14.08
N ASN A 136 9.26 1.04 15.30
CA ASN A 136 8.02 1.77 15.51
C ASN A 136 8.27 3.26 15.44
N VAL A 137 7.43 3.96 14.66
CA VAL A 137 7.53 5.40 14.58
C VAL A 137 6.18 5.98 14.99
N PRO A 138 6.08 6.46 16.24
CA PRO A 138 4.79 6.91 16.77
C PRO A 138 4.35 8.22 16.15
N GLY A 139 3.06 8.50 16.20
CA GLY A 139 2.55 9.77 15.74
C GLY A 139 1.41 9.64 14.76
N TYR A 140 0.69 10.75 14.57
CA TYR A 140 -0.42 10.78 13.64
C TYR A 140 0.12 11.00 12.23
N VAL A 141 -0.18 10.05 11.35
CA VAL A 141 0.21 10.15 9.95
C VAL A 141 -0.89 10.92 9.22
N VAL A 142 -0.62 12.19 8.93
CA VAL A 142 -1.66 13.09 8.42
C VAL A 142 -1.92 12.86 6.94
N ARG A 143 -3.16 12.49 6.61
CA ARG A 143 -3.54 12.19 5.24
C ARG A 143 -4.85 12.92 4.87
N HIS A 144 -5.27 12.80 3.62
CA HIS A 144 -6.58 13.35 3.23
C HIS A 144 -7.65 12.46 3.80
N ALA A 145 -8.75 13.04 4.29
CA ALA A 145 -9.81 12.21 4.84
C ALA A 145 -10.44 11.36 3.75
N ARG A 146 -10.76 12.01 2.64
CA ARG A 146 -11.48 11.38 1.55
C ARG A 146 -10.70 11.57 0.26
N VAL A 147 -10.66 10.52 -0.56
CA VAL A 147 -10.02 10.61 -1.87
C VAL A 147 -10.86 9.99 -2.96
N THR A 148 -10.76 10.56 -4.15
CA THR A 148 -11.26 9.92 -5.34
C THR A 148 -10.05 9.38 -6.09
N VAL A 149 -10.06 8.07 -6.34
CA VAL A 149 -8.92 7.39 -6.96
C VAL A 149 -9.29 6.77 -8.30
N ASP A 150 -8.50 7.10 -9.32
CA ASP A 150 -8.58 6.42 -10.61
C ASP A 150 -7.51 5.35 -10.65
N TYR A 151 -7.84 4.21 -11.24
CA TYR A 151 -6.84 3.17 -11.48
C TYR A 151 -7.29 2.26 -12.61
N PHE A 152 -6.37 1.47 -13.14
CA PHE A 152 -6.73 0.43 -14.11
C PHE A 152 -6.63 -0.98 -13.50
N ASP A 153 -7.54 -1.86 -13.88
CA ASP A 153 -7.44 -3.25 -13.43
C ASP A 153 -6.59 -4.05 -14.43
N LYS A 154 -6.43 -5.34 -14.19
CA LYS A 154 -5.58 -6.16 -15.06
C LYS A 154 -5.99 -6.17 -16.54
N ASP A 155 -7.26 -5.87 -16.83
CA ASP A 155 -7.75 -5.85 -18.20
C ASP A 155 -7.61 -4.48 -18.87
N GLY A 156 -6.98 -3.54 -18.18
CA GLY A 156 -6.84 -2.19 -18.70
C GLY A 156 -8.14 -1.41 -18.65
N GLU A 157 -9.10 -1.92 -17.88
CA GLU A 157 -10.36 -1.22 -17.65
C GLU A 157 -10.16 -0.18 -16.55
N LYS A 158 -10.71 1.00 -16.76
CA LYS A 158 -10.53 2.11 -15.81
C LYS A 158 -11.61 2.11 -14.73
N HIS A 159 -11.20 2.33 -13.48
CA HIS A 159 -12.12 2.42 -12.37
C HIS A 159 -11.91 3.75 -11.68
N ARG A 160 -12.99 4.31 -11.15
CA ARG A 160 -12.95 5.56 -10.41
C ARG A 160 -13.74 5.33 -9.14
N ILE A 161 -13.05 5.32 -8.01
CA ILE A 161 -13.69 4.99 -6.74
C ILE A 161 -13.52 6.09 -5.73
N LYS A 162 -14.46 6.19 -4.79
CA LYS A 162 -14.34 7.16 -3.72
C LYS A 162 -14.14 6.43 -2.41
N LEU A 163 -13.15 6.86 -1.64
CA LEU A 163 -12.76 6.16 -0.43
C LEU A 163 -12.82 7.08 0.77
N LYS A 164 -13.14 6.52 1.92
CA LYS A 164 -13.12 7.26 3.17
C LYS A 164 -12.60 6.32 4.25
N GLY A 165 -12.51 6.84 5.48
CA GLY A 165 -12.10 6.03 6.62
C GLY A 165 -10.81 5.25 6.39
N TYR A 166 -10.79 4.00 6.85
CA TYR A 166 -9.59 3.18 6.78
C TYR A 166 -9.13 2.99 5.33
N ASN A 167 -10.09 2.72 4.43
CA ASN A 167 -9.74 2.45 3.03
C ASN A 167 -8.97 3.62 2.43
N SER A 168 -9.43 4.83 2.71
CA SER A 168 -8.76 6.01 2.20
C SER A 168 -7.32 6.07 2.69
N ILE A 169 -7.12 5.84 3.99
CA ILE A 169 -5.78 5.89 4.57
C ILE A 169 -4.86 4.87 3.91
N VAL A 170 -5.35 3.65 3.77
CA VAL A 170 -4.54 2.57 3.26
C VAL A 170 -4.11 2.81 1.80
N VAL A 171 -5.06 3.22 0.98
CA VAL A 171 -4.73 3.47 -0.42
C VAL A 171 -3.71 4.60 -0.56
N GLN A 172 -3.85 5.65 0.26
CA GLN A 172 -2.90 6.74 0.23
C GLN A 172 -1.52 6.28 0.66
N HIS A 173 -1.45 5.40 1.64
CA HIS A 173 -0.17 4.85 2.09
C HIS A 173 0.52 4.13 0.93
N GLU A 174 -0.23 3.34 0.17
CA GLU A 174 0.36 2.58 -0.93
C GLU A 174 0.73 3.50 -2.10
N ILE A 175 -0.12 4.49 -2.39
CA ILE A 175 0.22 5.42 -3.46
C ILE A 175 1.49 6.17 -3.07
N ASP A 176 1.64 6.49 -1.79
CA ASP A 176 2.85 7.19 -1.33
C ASP A 176 4.08 6.37 -1.73
N HIS A 177 4.05 5.06 -1.52
CA HIS A 177 5.19 4.22 -1.91
C HIS A 177 5.60 4.38 -3.36
N ILE A 178 4.63 4.44 -4.27
CA ILE A 178 4.99 4.53 -5.67
C ILE A 178 5.46 5.94 -6.03
N ASN A 179 5.35 6.86 -5.08
CA ASN A 179 5.91 8.20 -5.24
C ASN A 179 7.14 8.45 -4.39
N GLY A 180 7.66 7.39 -3.77
CA GLY A 180 8.89 7.47 -2.99
C GLY A 180 8.68 8.11 -1.63
N ILE A 181 7.44 8.10 -1.15
CA ILE A 181 7.10 8.70 0.13
C ILE A 181 6.83 7.64 1.21
N MET A 182 7.33 7.90 2.41
CA MET A 182 7.19 6.96 3.54
C MET A 182 6.25 7.56 4.58
N PHE A 183 5.59 6.70 5.38
CA PHE A 183 4.51 7.19 6.25
C PHE A 183 4.98 8.25 7.23
N TYR A 184 6.21 8.12 7.74
CA TYR A 184 6.70 9.10 8.70
C TYR A 184 7.02 10.46 8.09
N ASP A 185 7.06 10.54 6.78
CA ASP A 185 7.19 11.82 6.10
C ASP A 185 6.00 12.73 6.44
N ARG A 186 4.91 12.11 6.91
CA ARG A 186 3.66 12.85 7.16
C ARG A 186 3.32 12.99 8.63
N ILE A 187 4.27 12.66 9.51
CA ILE A 187 4.07 12.84 10.94
C ILE A 187 4.67 14.18 11.35
N ASN A 188 3.96 14.90 12.21
CA ASN A 188 4.46 16.18 12.71
C ASN A 188 5.68 15.96 13.59
N GLU A 189 6.84 16.40 13.12
CA GLU A 189 8.10 16.20 13.84
C GLU A 189 8.05 16.79 15.24
N LYS A 190 7.71 18.07 15.33
CA LYS A 190 7.62 18.78 16.59
C LYS A 190 6.72 18.03 17.58
N ASP A 191 5.45 17.92 17.24
CA ASP A 191 4.48 17.23 18.09
C ASP A 191 3.76 16.13 17.32
N PRO A 192 4.27 14.90 17.40
CA PRO A 192 3.73 13.76 16.64
C PRO A 192 2.24 13.54 16.84
N PHE A 193 1.70 13.94 17.99
CA PHE A 193 0.28 13.74 18.26
C PHE A 193 -0.52 15.04 18.31
N ALA A 194 0.01 16.07 17.66
CA ALA A 194 -0.69 17.33 17.47
C ALA A 194 -2.03 17.10 16.75
N VAL A 195 -3.05 17.84 17.16
CA VAL A 195 -4.38 17.71 16.56
C VAL A 195 -4.82 19.01 15.88
N LYS A 196 -4.34 19.22 14.65
CA LYS A 196 -4.64 20.44 13.91
C LYS A 196 -6.14 20.60 13.64
N ASP A 197 -6.56 21.83 13.39
CA ASP A 197 -7.92 22.10 12.96
C ASP A 197 -8.16 21.34 11.66
N GLY A 198 -9.29 20.63 11.59
CA GLY A 198 -9.65 19.96 10.35
C GLY A 198 -9.04 18.57 10.25
N LEU A 199 -8.38 18.13 11.31
CA LEU A 199 -7.82 16.77 11.36
C LEU A 199 -8.76 15.82 12.09
N LEU A 200 -9.23 14.81 11.37
CA LEU A 200 -10.12 13.81 11.93
C LEU A 200 -9.28 12.62 12.42
N ILE A 201 -9.36 12.28 13.70
CA ILE A 201 -8.63 11.13 14.23
C ILE A 201 -9.54 9.91 14.20
N LEU A 202 -9.11 8.86 13.49
CA LEU A 202 -9.93 7.69 13.25
C LEU A 202 -9.72 6.60 14.28
N GLU A 203 -10.84 6.03 14.73
CA GLU A 203 -10.90 4.88 15.62
C GLU A 203 -11.42 5.29 16.99
#